data_1I6N
#
_entry.id   1I6N
#
_cell.length_a   74.015
_cell.length_b   104.616
_cell.length_c   48.462
_cell.angle_alpha   90.00
_cell.angle_beta   90.00
_cell.angle_gamma   90.00
#
_symmetry.space_group_name_H-M   'P 21 21 2'
#
loop_
_entity.id
_entity.type
_entity.pdbx_description
1 polymer 'IOLI PROTEIN'
2 non-polymer 'ZINC ION'
3 water water
#
_entity_poly.entity_id   1
_entity_poly.type   'polypeptide(L)'
_entity_poly.pdbx_seq_one_letter_code
;(MSE)KLCFNEATTLENSNLKLDLELCEKHGYDYIEIRT(MSE)DKLPEYLKDHSLDDLAEYFQTHHIKPLALNALVFFN
NRDEKGHNEIITEFKG(MSE)(MSE)ETCKTLGVKYVVAVPLVTEQKIVKEEIKKSSVDVLTELSDIAEPYGVKIALEFV
GHPQCTVNTFEQAYEIVNTVNRDNVGLVLDSFHFHA(MSE)GSNIESLKQADGKKIFIYHIDDTEDFPIGFLTDEDRVWP
GQGAIDLDAHLSALKEIGFSDVVSVELFRPEYYKLTAEEAIQTAKKTTVDVVSKYFS(MSE)
;
_entity_poly.pdbx_strand_id   A
#
# COMPACT_ATOMS: atom_id res chain seq x y z
N LYS A 2 -14.22 -4.72 0.87
CA LYS A 2 -13.86 -4.57 2.27
C LYS A 2 -13.17 -3.24 2.55
N LEU A 3 -13.26 -2.78 3.80
CA LEU A 3 -12.65 -1.52 4.23
C LEU A 3 -11.40 -1.79 5.05
N CYS A 4 -10.31 -1.12 4.69
CA CYS A 4 -9.04 -1.29 5.38
C CYS A 4 -8.44 0.03 5.83
N PHE A 5 -7.70 0.00 6.92
CA PHE A 5 -7.05 1.18 7.46
C PHE A 5 -5.53 1.08 7.32
N ASN A 6 -4.91 2.17 6.87
CA ASN A 6 -3.46 2.20 6.72
C ASN A 6 -2.94 3.10 7.85
N GLU A 7 -2.04 2.58 8.67
CA GLU A 7 -1.51 3.31 9.81
C GLU A 7 -0.80 4.62 9.53
N ALA A 8 -0.46 4.89 8.27
CA ALA A 8 0.19 6.15 7.95
C ALA A 8 -0.78 7.28 8.31
N THR A 9 -2.07 6.98 8.17
CA THR A 9 -3.11 7.94 8.45
C THR A 9 -3.06 8.48 9.89
N THR A 10 -2.61 7.65 10.82
CA THR A 10 -2.48 8.08 12.22
C THR A 10 -1.03 7.87 12.66
N LEU A 11 -0.12 8.09 11.74
CA LEU A 11 1.30 7.93 12.01
C LEU A 11 1.77 8.59 13.30
N GLU A 12 1.42 9.86 13.47
CA GLU A 12 1.87 10.62 14.64
C GLU A 12 0.88 10.85 15.78
N ASN A 13 -0.33 10.30 15.65
CA ASN A 13 -1.32 10.51 16.70
C ASN A 13 -2.01 9.24 17.19
N SER A 14 -1.34 8.10 17.03
CA SER A 14 -1.88 6.83 17.47
C SER A 14 -0.78 5.79 17.51
N ASN A 15 -1.17 4.55 17.80
CA ASN A 15 -0.23 3.43 17.83
C ASN A 15 -1.03 2.20 17.38
N LEU A 16 -0.35 1.10 17.11
CA LEU A 16 -1.02 -0.10 16.64
C LEU A 16 -2.12 -0.59 17.59
N LYS A 17 -1.82 -0.63 18.88
CA LYS A 17 -2.80 -1.08 19.86
C LYS A 17 -4.09 -0.26 19.77
N LEU A 18 -3.94 1.07 19.77
CA LEU A 18 -5.09 1.95 19.69
C LEU A 18 -5.75 1.87 18.32
N ASP A 19 -4.96 1.78 17.25
CA ASP A 19 -5.52 1.67 15.91
C ASP A 19 -6.43 0.45 15.83
N LEU A 20 -5.97 -0.67 16.36
CA LEU A 20 -6.76 -1.90 16.34
C LEU A 20 -8.10 -1.71 17.07
N GLU A 21 -8.03 -1.16 18.27
CA GLU A 21 -9.24 -0.93 19.06
C GLU A 21 -10.26 -0.07 18.33
N LEU A 22 -9.81 1.09 17.84
CA LEU A 22 -10.68 2.02 17.15
C LEU A 22 -11.16 1.55 15.78
N CYS A 23 -10.29 0.86 15.03
CA CYS A 23 -10.71 0.38 13.72
C CYS A 23 -11.74 -0.74 13.90
N GLU A 24 -11.53 -1.58 14.92
CA GLU A 24 -12.46 -2.67 15.20
C GLU A 24 -13.79 -2.07 15.62
N LYS A 25 -13.74 -1.07 16.50
CA LYS A 25 -14.94 -0.40 16.97
C LYS A 25 -15.72 0.23 15.82
N HIS A 26 -15.01 0.76 14.84
CA HIS A 26 -15.67 1.43 13.72
C HIS A 26 -15.88 0.64 12.43
N GLY A 27 -16.01 -0.67 12.57
CA GLY A 27 -16.31 -1.52 11.43
C GLY A 27 -15.31 -1.78 10.32
N TYR A 28 -14.02 -1.60 10.59
CA TYR A 28 -13.03 -1.89 9.55
C TYR A 28 -12.85 -3.39 9.44
N ASP A 29 -12.63 -3.88 8.22
CA ASP A 29 -12.43 -5.31 8.00
C ASP A 29 -10.95 -5.65 8.08
N TYR A 30 -10.11 -4.71 7.66
CA TYR A 30 -8.67 -4.92 7.64
C TYR A 30 -7.87 -3.73 8.14
N ILE A 31 -6.59 -3.99 8.35
CA ILE A 31 -5.62 -2.98 8.76
C ILE A 31 -4.30 -3.36 8.12
N GLU A 32 -3.55 -2.36 7.67
CA GLU A 32 -2.23 -2.59 7.09
C GLU A 32 -1.29 -2.20 8.20
N ILE A 33 -0.42 -3.14 8.60
CA ILE A 33 0.51 -2.89 9.69
C ILE A 33 1.87 -2.40 9.21
N ARG A 34 2.35 -1.31 9.81
CA ARG A 34 3.63 -0.74 9.46
C ARG A 34 4.74 -1.48 10.22
N THR A 35 5.72 -1.97 9.47
CA THR A 35 6.82 -2.74 10.04
C THR A 35 8.01 -1.90 10.52
N ASP A 37 7.89 0.97 12.16
CA ASP A 37 7.66 1.67 13.43
C ASP A 37 6.54 1.12 14.30
N LYS A 38 5.32 1.06 13.77
CA LYS A 38 4.18 0.60 14.55
C LYS A 38 4.31 -0.79 15.17
N LEU A 39 4.71 -1.79 14.39
CA LEU A 39 4.83 -3.15 14.93
C LEU A 39 5.95 -3.26 15.98
N PRO A 40 7.16 -2.75 15.67
CA PRO A 40 8.22 -2.84 16.67
C PRO A 40 7.79 -2.21 17.99
N GLU A 41 7.14 -1.06 17.90
CA GLU A 41 6.65 -0.34 19.07
C GLU A 41 5.70 -1.21 19.87
N TYR A 42 4.73 -1.80 19.18
CA TYR A 42 3.75 -2.67 19.80
C TYR A 42 4.45 -3.85 20.50
N LEU A 43 5.47 -4.39 19.85
CA LEU A 43 6.20 -5.53 20.37
C LEU A 43 7.10 -5.21 21.57
N LYS A 44 7.10 -3.95 22.00
CA LYS A 44 7.91 -3.57 23.16
C LYS A 44 7.25 -4.09 24.43
N ASP A 45 5.91 -4.15 24.42
CA ASP A 45 5.18 -4.64 25.58
C ASP A 45 4.11 -5.66 25.22
N HIS A 46 4.24 -6.26 24.04
CA HIS A 46 3.32 -7.29 23.58
C HIS A 46 4.12 -8.30 22.75
N SER A 47 3.57 -9.49 22.57
CA SER A 47 4.25 -10.51 21.79
C SER A 47 3.48 -10.68 20.49
N LEU A 48 4.10 -11.27 19.49
CA LEU A 48 3.43 -11.50 18.22
C LEU A 48 2.23 -12.41 18.46
N ASP A 49 2.34 -13.29 19.45
CA ASP A 49 1.22 -14.19 19.75
C ASP A 49 0.05 -13.42 20.33
N ASP A 50 0.33 -12.36 21.07
CA ASP A 50 -0.73 -11.54 21.64
C ASP A 50 -1.53 -10.95 20.48
N LEU A 51 -0.82 -10.43 19.50
CA LEU A 51 -1.45 -9.83 18.32
C LEU A 51 -2.23 -10.87 17.53
N ALA A 52 -1.63 -12.04 17.38
CA ALA A 52 -2.27 -13.13 16.65
C ALA A 52 -3.58 -13.50 17.34
N GLU A 53 -3.53 -13.50 18.67
CA GLU A 53 -4.70 -13.82 19.49
C GLU A 53 -5.78 -12.75 19.31
N TYR A 54 -5.36 -11.50 19.21
CA TYR A 54 -6.30 -10.42 19.03
C TYR A 54 -7.09 -10.60 17.74
N PHE A 55 -6.38 -10.83 16.64
CA PHE A 55 -7.05 -11.02 15.35
C PHE A 55 -7.97 -12.23 15.38
N GLN A 56 -7.56 -13.28 16.09
CA GLN A 56 -8.36 -14.49 16.19
C GLN A 56 -9.66 -14.23 16.93
N THR A 57 -9.64 -13.24 17.84
CA THR A 57 -10.82 -12.94 18.64
C THR A 57 -11.58 -11.64 18.33
N HIS A 58 -11.32 -11.05 17.17
CA HIS A 58 -12.02 -9.84 16.76
C HIS A 58 -12.31 -9.94 15.26
N HIS A 59 -13.19 -9.07 14.75
CA HIS A 59 -13.52 -9.11 13.33
C HIS A 59 -12.35 -8.71 12.44
N ILE A 60 -11.70 -7.60 12.77
CA ILE A 60 -10.60 -7.08 11.98
C ILE A 60 -9.45 -8.07 11.79
N LYS A 61 -8.84 -8.00 10.60
CA LYS A 61 -7.73 -8.88 10.23
C LYS A 61 -6.62 -8.08 9.56
N PRO A 62 -5.39 -8.61 9.56
CA PRO A 62 -4.28 -7.91 8.93
C PRO A 62 -4.26 -8.16 7.43
N LEU A 63 -4.42 -7.10 6.64
CA LEU A 63 -4.39 -7.25 5.19
C LEU A 63 -2.98 -7.42 4.67
N ALA A 64 -2.09 -6.52 5.09
CA ALA A 64 -0.72 -6.57 4.61
C ALA A 64 0.28 -5.90 5.55
N LEU A 65 1.55 -6.21 5.32
CA LEU A 65 2.64 -5.60 6.09
C LEU A 65 3.09 -4.48 5.17
N ASN A 66 3.26 -3.28 5.71
CA ASN A 66 3.66 -2.18 4.85
C ASN A 66 5.12 -1.90 4.66
N ALA A 67 5.48 -1.99 3.39
CA ALA A 67 6.79 -1.68 2.89
C ALA A 67 8.06 -2.47 3.14
N LEU A 68 8.46 -3.16 2.08
CA LEU A 68 9.76 -3.82 2.02
C LEU A 68 10.21 -2.58 1.23
N VAL A 69 11.02 -1.74 1.85
CA VAL A 69 11.44 -0.48 1.23
C VAL A 69 12.72 -0.46 0.39
N PHE A 70 12.57 -0.06 -0.88
CA PHE A 70 13.66 0.05 -1.84
C PHE A 70 14.25 -1.31 -2.22
N PHE A 71 13.41 -2.17 -2.79
CA PHE A 71 13.84 -3.53 -3.15
C PHE A 71 14.68 -3.67 -4.42
N ASN A 72 14.56 -2.72 -5.34
CA ASN A 72 15.26 -2.81 -6.62
C ASN A 72 16.51 -1.97 -6.78
N ASN A 73 17.33 -2.38 -7.76
CA ASN A 73 18.56 -1.69 -8.10
C ASN A 73 19.45 -1.35 -6.92
N ARG A 74 19.67 -2.34 -6.05
CA ARG A 74 20.52 -2.18 -4.87
C ARG A 74 21.83 -2.91 -5.11
N ASP A 75 22.87 -2.50 -4.39
CA ASP A 75 24.17 -3.15 -4.52
C ASP A 75 24.12 -4.45 -3.71
N GLU A 76 25.20 -5.22 -3.72
CA GLU A 76 25.25 -6.49 -3.01
C GLU A 76 24.75 -6.36 -1.56
N LYS A 77 25.26 -5.35 -0.86
CA LYS A 77 24.86 -5.13 0.53
C LYS A 77 23.37 -4.80 0.65
N GLY A 78 22.91 -3.86 -0.16
CA GLY A 78 21.51 -3.47 -0.11
C GLY A 78 20.60 -4.63 -0.45
N HIS A 79 21.00 -5.44 -1.43
CA HIS A 79 20.19 -6.58 -1.81
C HIS A 79 20.09 -7.53 -0.62
N ASN A 80 21.19 -7.71 0.09
CA ASN A 80 21.21 -8.58 1.26
C ASN A 80 20.21 -8.08 2.31
N GLU A 81 20.18 -6.77 2.52
CA GLU A 81 19.26 -6.17 3.49
C GLU A 81 17.82 -6.47 3.12
N ILE A 82 17.52 -6.32 1.83
CA ILE A 82 16.18 -6.56 1.30
C ILE A 82 15.72 -8.00 1.47
N ILE A 83 16.58 -8.95 1.09
CA ILE A 83 16.24 -10.36 1.19
C ILE A 83 16.09 -10.78 2.65
N THR A 84 17.03 -10.34 3.49
CA THR A 84 16.97 -10.67 4.90
C THR A 84 15.68 -10.16 5.53
N GLU A 85 15.31 -8.93 5.21
CA GLU A 85 14.08 -8.38 5.79
C GLU A 85 12.83 -9.09 5.27
N PHE A 86 12.81 -9.42 3.99
CA PHE A 86 11.65 -10.10 3.43
C PHE A 86 11.48 -11.48 4.06
N LYS A 87 12.59 -12.19 4.25
CA LYS A 87 12.52 -13.52 4.86
C LYS A 87 11.96 -13.41 6.26
N GLY A 88 12.32 -12.32 6.95
CA GLY A 88 11.82 -12.11 8.29
C GLY A 88 10.33 -11.80 8.27
N GLU A 91 7.98 -14.83 8.18
CA GLU A 91 7.66 -15.43 9.48
C GLU A 91 6.59 -14.64 10.21
N THR A 92 6.63 -13.32 10.08
CA THR A 92 5.63 -12.47 10.73
C THR A 92 4.26 -12.71 10.09
N CYS A 93 4.22 -12.77 8.76
CA CYS A 93 2.96 -13.00 8.05
C CYS A 93 2.34 -14.33 8.45
N LYS A 94 3.18 -15.34 8.61
CA LYS A 94 2.71 -16.67 8.99
C LYS A 94 2.10 -16.65 10.38
N THR A 95 2.79 -16.02 11.32
CA THR A 95 2.29 -15.94 12.69
C THR A 95 1.00 -15.14 12.82
N LEU A 96 0.94 -14.00 12.13
CA LEU A 96 -0.24 -13.15 12.20
C LEU A 96 -1.31 -13.43 11.15
N GLY A 97 -1.00 -14.30 10.19
CA GLY A 97 -1.97 -14.60 9.15
C GLY A 97 -2.14 -13.45 8.16
N VAL A 98 -1.02 -12.83 7.79
CA VAL A 98 -1.04 -11.71 6.85
C VAL A 98 -0.97 -12.20 5.42
N LYS A 99 -1.83 -11.66 4.58
CA LYS A 99 -1.91 -12.05 3.17
C LYS A 99 -0.93 -11.38 2.23
N TYR A 100 -0.68 -10.09 2.44
CA TYR A 100 0.22 -9.33 1.57
C TYR A 100 1.40 -8.64 2.21
N VAL A 101 2.39 -8.34 1.37
CA VAL A 101 3.58 -7.59 1.75
C VAL A 101 3.73 -6.55 0.65
N VAL A 102 3.67 -5.28 1.01
CA VAL A 102 3.81 -4.21 0.05
C VAL A 102 5.29 -3.91 -0.17
N ALA A 103 5.67 -3.76 -1.43
CA ALA A 103 7.05 -3.47 -1.79
C ALA A 103 7.13 -2.09 -2.45
N VAL A 104 8.08 -1.27 -1.98
CA VAL A 104 8.28 0.09 -2.49
C VAL A 104 9.57 0.20 -3.29
N PRO A 105 9.51 0.80 -4.49
CA PRO A 105 10.68 0.95 -5.36
C PRO A 105 11.73 1.90 -4.81
N LEU A 106 12.96 1.71 -5.26
CA LEU A 106 14.08 2.54 -4.84
C LEU A 106 13.84 4.01 -5.16
N VAL A 107 14.14 4.87 -4.18
CA VAL A 107 14.05 6.30 -4.33
C VAL A 107 15.52 6.71 -4.32
N THR A 108 15.95 7.43 -5.36
CA THR A 108 17.34 7.83 -5.46
C THR A 108 17.52 9.03 -6.38
N GLU A 109 18.68 9.65 -6.34
CA GLU A 109 18.95 10.78 -7.21
C GLU A 109 19.70 10.26 -8.44
N GLN A 110 20.14 9.02 -8.38
CA GLN A 110 20.87 8.44 -9.50
C GLN A 110 19.99 8.14 -10.70
N LYS A 111 20.47 8.53 -11.88
CA LYS A 111 19.75 8.29 -13.13
C LYS A 111 20.08 6.87 -13.59
N ILE A 112 19.03 6.06 -13.75
CA ILE A 112 19.19 4.67 -14.18
C ILE A 112 18.23 4.47 -15.35
N VAL A 113 18.73 3.90 -16.45
CA VAL A 113 17.85 3.67 -17.60
C VAL A 113 16.70 2.75 -17.23
N LYS A 114 15.55 2.99 -17.83
CA LYS A 114 14.37 2.21 -17.53
C LYS A 114 14.52 0.71 -17.72
N GLU A 115 15.28 0.28 -18.72
CA GLU A 115 15.44 -1.16 -18.92
C GLU A 115 16.24 -1.81 -17.81
N GLU A 116 17.10 -1.04 -17.16
CA GLU A 116 17.91 -1.54 -16.06
C GLU A 116 17.04 -1.62 -14.81
N ILE A 117 16.17 -0.63 -14.63
CA ILE A 117 15.25 -0.62 -13.50
C ILE A 117 14.27 -1.78 -13.66
N LYS A 118 13.84 -2.02 -14.89
CA LYS A 118 12.91 -3.11 -15.16
C LYS A 118 13.55 -4.46 -14.89
N LYS A 119 14.73 -4.68 -15.45
CA LYS A 119 15.41 -5.96 -15.27
C LYS A 119 15.65 -6.26 -13.79
N SER A 120 16.15 -5.28 -13.06
CA SER A 120 16.42 -5.47 -11.63
C SER A 120 15.13 -5.71 -10.85
N SER A 121 14.11 -4.91 -11.11
CA SER A 121 12.84 -5.06 -10.40
C SER A 121 12.22 -6.43 -10.68
N VAL A 122 12.27 -6.86 -11.94
CA VAL A 122 11.71 -8.15 -12.31
C VAL A 122 12.49 -9.28 -11.65
N ASP A 123 13.82 -9.19 -11.70
CA ASP A 123 14.66 -10.23 -11.11
C ASP A 123 14.47 -10.31 -9.60
N VAL A 124 14.42 -9.16 -8.92
CA VAL A 124 14.25 -9.18 -7.48
C VAL A 124 12.86 -9.64 -7.08
N LEU A 125 11.83 -9.14 -7.76
CA LEU A 125 10.47 -9.55 -7.45
C LEU A 125 10.28 -11.06 -7.69
N THR A 126 10.96 -11.59 -8.70
CA THR A 126 10.88 -13.02 -8.98
C THR A 126 11.53 -13.78 -7.84
N GLU A 127 12.63 -13.25 -7.32
CA GLU A 127 13.32 -13.89 -6.21
C GLU A 127 12.46 -13.82 -4.95
N LEU A 128 11.79 -12.69 -4.75
CA LEU A 128 10.91 -12.55 -3.59
C LEU A 128 9.74 -13.50 -3.75
N SER A 129 9.24 -13.62 -4.98
CA SER A 129 8.14 -14.53 -5.27
C SER A 129 8.52 -15.95 -4.88
N ASP A 130 9.72 -16.37 -5.29
CA ASP A 130 10.21 -17.72 -4.98
C ASP A 130 10.21 -17.95 -3.47
N ILE A 131 10.65 -16.93 -2.74
CA ILE A 131 10.72 -17.01 -1.28
C ILE A 131 9.34 -17.09 -0.64
N ALA A 132 8.40 -16.33 -1.20
CA ALA A 132 7.04 -16.27 -0.67
C ALA A 132 6.16 -17.50 -0.89
N GLU A 133 6.39 -18.21 -1.99
CA GLU A 133 5.58 -19.38 -2.34
C GLU A 133 5.29 -20.34 -1.19
N PRO A 134 6.32 -20.84 -0.50
CA PRO A 134 6.05 -21.77 0.60
C PRO A 134 5.21 -21.17 1.74
N TYR A 135 5.11 -19.84 1.78
CA TYR A 135 4.33 -19.15 2.80
C TYR A 135 2.95 -18.77 2.28
N GLY A 136 2.78 -18.82 0.96
CA GLY A 136 1.50 -18.47 0.37
C GLY A 136 1.21 -16.98 0.47
N VAL A 137 2.25 -16.19 0.72
CA VAL A 137 2.11 -14.74 0.83
C VAL A 137 2.27 -14.11 -0.54
N LYS A 138 1.52 -13.03 -0.79
CA LYS A 138 1.59 -12.33 -2.06
C LYS A 138 2.28 -10.98 -1.92
N ILE A 139 2.95 -10.55 -2.97
CA ILE A 139 3.67 -9.29 -2.97
C ILE A 139 2.94 -8.25 -3.80
N ALA A 140 2.74 -7.07 -3.22
CA ALA A 140 2.06 -5.99 -3.92
C ALA A 140 3.02 -4.82 -4.13
N LEU A 141 3.34 -4.59 -5.40
CA LEU A 141 4.26 -3.52 -5.77
C LEU A 141 3.53 -2.18 -5.77
N GLU A 142 3.94 -1.28 -4.88
CA GLU A 142 3.32 0.04 -4.86
C GLU A 142 4.23 1.06 -5.52
N PHE A 143 3.96 1.38 -6.78
CA PHE A 143 4.77 2.38 -7.46
C PHE A 143 4.46 3.69 -6.75
N VAL A 144 5.45 4.57 -6.66
CA VAL A 144 5.31 5.85 -5.98
C VAL A 144 5.42 7.01 -6.96
N GLY A 145 4.39 7.86 -6.99
CA GLY A 145 4.37 8.99 -7.91
C GLY A 145 5.25 10.16 -7.47
N HIS A 146 6.55 9.89 -7.36
CA HIS A 146 7.52 10.90 -6.95
C HIS A 146 8.61 10.95 -8.02
N PRO A 147 9.09 12.17 -8.36
CA PRO A 147 10.13 12.32 -9.38
C PRO A 147 11.47 11.64 -9.08
N GLN A 148 11.66 11.21 -7.84
CA GLN A 148 12.89 10.53 -7.47
C GLN A 148 12.67 9.03 -7.23
N CYS A 149 11.48 8.52 -7.55
CA CYS A 149 11.23 7.09 -7.39
C CYS A 149 11.45 6.42 -8.74
N THR A 150 12.30 5.40 -8.74
CA THR A 150 12.65 4.67 -9.96
C THR A 150 11.47 4.08 -10.75
N VAL A 151 10.39 3.77 -10.05
CA VAL A 151 9.19 3.23 -10.70
C VAL A 151 8.07 4.15 -10.23
N ASN A 152 7.75 5.15 -11.04
CA ASN A 152 6.76 6.14 -10.64
C ASN A 152 5.47 6.31 -11.44
N THR A 153 5.20 5.41 -12.39
CA THR A 153 3.95 5.49 -13.15
C THR A 153 3.32 4.12 -13.24
N PHE A 154 2.01 4.09 -13.45
CA PHE A 154 1.28 2.84 -13.54
C PHE A 154 1.78 1.87 -14.61
N GLU A 155 1.90 2.36 -15.84
CA GLU A 155 2.33 1.48 -16.93
C GLU A 155 3.72 0.88 -16.71
N GLN A 156 4.64 1.65 -16.15
CA GLN A 156 5.98 1.13 -15.89
C GLN A 156 5.89 0.00 -14.87
N ALA A 157 5.16 0.24 -13.79
CA ALA A 157 4.99 -0.75 -12.74
C ALA A 157 4.23 -1.98 -13.25
N TYR A 158 3.21 -1.75 -14.06
CA TYR A 158 2.41 -2.84 -14.61
C TYR A 158 3.25 -3.72 -15.54
N GLU A 159 4.10 -3.08 -16.34
CA GLU A 159 4.96 -3.81 -17.26
C GLU A 159 5.89 -4.74 -16.46
N ILE A 160 6.38 -4.24 -15.33
CA ILE A 160 7.26 -5.02 -14.48
C ILE A 160 6.51 -6.23 -13.93
N VAL A 161 5.32 -6.00 -13.39
CA VAL A 161 4.52 -7.08 -12.82
C VAL A 161 4.12 -8.11 -13.88
N ASN A 162 3.75 -7.64 -15.06
CA ASN A 162 3.34 -8.55 -16.12
C ASN A 162 4.52 -9.40 -16.57
N THR A 163 5.71 -8.81 -16.54
CA THR A 163 6.91 -9.52 -16.94
C THR A 163 7.30 -10.56 -15.90
N VAL A 164 7.09 -10.26 -14.62
CA VAL A 164 7.39 -11.21 -13.56
C VAL A 164 6.47 -12.41 -13.75
N ASN A 165 5.25 -12.12 -14.17
CA ASN A 165 4.24 -13.14 -14.46
C ASN A 165 4.10 -14.24 -13.40
N ARG A 166 3.85 -13.82 -12.16
CA ARG A 166 3.67 -14.73 -11.04
C ARG A 166 2.32 -14.43 -10.38
N ASP A 167 1.56 -15.45 -10.04
CA ASP A 167 0.27 -15.25 -9.39
C ASP A 167 0.40 -14.53 -8.05
N ASN A 168 1.58 -14.62 -7.43
CA ASN A 168 1.76 -13.97 -6.13
C ASN A 168 2.48 -12.62 -6.19
N VAL A 169 2.50 -12.01 -7.38
CA VAL A 169 3.11 -10.71 -7.56
C VAL A 169 2.11 -9.81 -8.29
N GLY A 170 1.70 -8.74 -7.61
CA GLY A 170 0.73 -7.84 -8.18
C GLY A 170 1.02 -6.39 -7.84
N LEU A 171 0.01 -5.55 -7.92
CA LEU A 171 0.19 -4.13 -7.66
C LEU A 171 -0.65 -3.53 -6.55
N VAL A 172 -0.15 -2.41 -6.03
CA VAL A 172 -0.88 -1.62 -5.05
C VAL A 172 -1.20 -0.40 -5.90
N LEU A 173 -2.47 -0.16 -6.16
CA LEU A 173 -2.86 1.02 -6.92
C LEU A 173 -3.18 2.08 -5.88
N ASP A 174 -2.35 3.11 -5.80
CA ASP A 174 -2.58 4.19 -4.86
C ASP A 174 -3.02 5.39 -5.72
N SER A 175 -4.24 5.87 -5.52
CA SER A 175 -4.74 6.99 -6.32
C SER A 175 -3.80 8.19 -6.37
N PHE A 176 -3.24 8.58 -5.23
CA PHE A 176 -2.33 9.71 -5.18
C PHE A 176 -1.11 9.44 -6.08
N HIS A 177 -0.51 8.27 -5.93
CA HIS A 177 0.67 7.95 -6.73
C HIS A 177 0.35 7.91 -8.23
N PHE A 178 -0.84 7.42 -8.56
CA PHE A 178 -1.26 7.35 -9.96
C PHE A 178 -1.33 8.78 -10.51
N HIS A 179 -1.95 9.66 -9.74
CA HIS A 179 -2.12 11.06 -10.11
C HIS A 179 -0.85 11.90 -10.02
N ALA A 180 -0.03 11.62 -9.01
CA ALA A 180 1.20 12.38 -8.73
C ALA A 180 2.27 12.52 -9.81
N GLY A 182 1.27 11.75 -13.10
CA GLY A 182 0.43 11.70 -14.28
C GLY A 182 0.22 10.40 -15.04
N SER A 183 -0.07 9.32 -14.34
CA SER A 183 -0.32 8.05 -15.00
C SER A 183 -1.57 8.19 -15.88
N ASN A 184 -1.59 7.47 -16.99
CA ASN A 184 -2.70 7.54 -17.94
C ASN A 184 -3.83 6.59 -17.57
N ILE A 185 -5.02 7.15 -17.38
CA ILE A 185 -6.19 6.34 -17.02
C ILE A 185 -6.44 5.22 -18.02
N GLU A 186 -6.13 5.46 -19.29
CA GLU A 186 -6.35 4.42 -20.30
C GLU A 186 -5.50 3.19 -20.01
N SER A 187 -4.33 3.40 -19.38
CA SER A 187 -3.46 2.29 -19.05
C SER A 187 -4.11 1.40 -18.00
N LEU A 188 -4.82 2.01 -17.06
CA LEU A 188 -5.50 1.25 -16.02
C LEU A 188 -6.70 0.51 -16.60
N LYS A 189 -7.44 1.18 -17.47
CA LYS A 189 -8.62 0.57 -18.10
C LYS A 189 -8.27 -0.69 -18.89
N GLN A 190 -7.06 -0.73 -19.44
CA GLN A 190 -6.61 -1.87 -20.23
C GLN A 190 -5.89 -2.93 -19.40
N ALA A 191 -5.82 -2.71 -18.09
CA ALA A 191 -5.12 -3.64 -17.20
C ALA A 191 -5.98 -4.81 -16.71
N ASP A 192 -5.30 -5.89 -16.33
CA ASP A 192 -5.95 -7.09 -15.81
C ASP A 192 -6.27 -6.82 -14.35
N GLY A 193 -7.54 -6.71 -14.02
CA GLY A 193 -7.95 -6.43 -12.66
C GLY A 193 -7.41 -7.38 -11.60
N LYS A 194 -7.13 -8.62 -11.99
CA LYS A 194 -6.61 -9.61 -11.07
C LYS A 194 -5.18 -9.29 -10.61
N LYS A 195 -4.50 -8.41 -11.35
CA LYS A 195 -3.14 -8.05 -11.00
C LYS A 195 -3.09 -6.87 -10.01
N ILE A 196 -4.26 -6.38 -9.63
CA ILE A 196 -4.36 -5.30 -8.64
C ILE A 196 -4.72 -6.00 -7.33
N PHE A 197 -3.77 -6.02 -6.39
CA PHE A 197 -3.99 -6.68 -5.11
C PHE A 197 -4.60 -5.78 -4.05
N ILE A 198 -4.13 -4.54 -3.99
CA ILE A 198 -4.62 -3.60 -3.00
C ILE A 198 -4.84 -2.23 -3.60
N TYR A 199 -5.93 -1.58 -3.20
CA TYR A 199 -6.21 -0.23 -3.66
C TYR A 199 -6.05 0.72 -2.50
N HIS A 200 -5.14 1.68 -2.62
CA HIS A 200 -4.93 2.67 -1.57
C HIS A 200 -5.68 3.93 -2.00
N ILE A 201 -6.66 4.35 -1.22
CA ILE A 201 -7.40 5.56 -1.56
C ILE A 201 -6.93 6.75 -0.74
N ASP A 202 -7.00 7.91 -1.37
CA ASP A 202 -6.58 9.18 -0.80
C ASP A 202 -6.92 10.24 -1.85
N ASP A 203 -6.45 11.46 -1.66
CA ASP A 203 -6.72 12.54 -2.60
C ASP A 203 -5.58 13.54 -2.45
N THR A 204 -5.64 14.69 -3.09
CA THR A 204 -4.54 15.64 -2.96
C THR A 204 -4.82 17.08 -3.33
N GLU A 205 -3.99 17.97 -2.80
CA GLU A 205 -4.08 19.39 -3.13
C GLU A 205 -3.64 19.44 -4.59
N ASP A 206 -4.14 20.41 -5.33
CA ASP A 206 -3.87 20.50 -6.76
C ASP A 206 -2.55 21.08 -7.27
N PHE A 207 -1.43 20.57 -6.77
CA PHE A 207 -0.12 21.06 -7.24
C PHE A 207 0.22 20.26 -8.50
N PRO A 208 1.09 20.80 -9.37
CA PRO A 208 1.45 20.09 -10.60
C PRO A 208 2.25 18.82 -10.30
N ILE A 209 2.22 17.86 -11.22
CA ILE A 209 2.99 16.63 -11.02
C ILE A 209 4.45 17.05 -10.92
N GLY A 210 5.21 16.35 -10.09
CA GLY A 210 6.61 16.68 -9.90
C GLY A 210 6.77 17.43 -8.59
N PHE A 211 5.79 18.26 -8.27
CA PHE A 211 5.80 19.04 -7.03
C PHE A 211 5.14 18.27 -5.88
N LEU A 212 4.21 17.40 -6.23
CA LEU A 212 3.47 16.62 -5.25
C LEU A 212 4.29 15.67 -4.39
N THR A 213 4.04 15.72 -3.09
CA THR A 213 4.69 14.85 -2.11
C THR A 213 3.58 14.31 -1.22
N ASP A 214 3.85 13.24 -0.47
CA ASP A 214 2.80 12.64 0.35
C ASP A 214 2.11 13.54 1.37
N GLU A 215 2.78 14.58 1.84
CA GLU A 215 2.17 15.47 2.82
C GLU A 215 1.03 16.29 2.19
N ASP A 216 0.97 16.31 0.86
CA ASP A 216 -0.06 17.08 0.15
C ASP A 216 -1.39 16.34 0.03
N ARG A 217 -1.42 15.08 0.44
CA ARG A 217 -2.65 14.29 0.37
C ARG A 217 -3.72 14.89 1.29
N VAL A 218 -4.97 14.68 0.92
CA VAL A 218 -6.11 15.13 1.72
C VAL A 218 -7.13 13.99 1.67
N TRP A 219 -8.14 14.03 2.54
CA TRP A 219 -9.15 12.98 2.58
C TRP A 219 -9.81 12.70 1.23
N PRO A 220 -10.12 11.43 0.95
CA PRO A 220 -10.75 11.06 -0.33
C PRO A 220 -11.95 11.96 -0.64
N GLY A 221 -11.98 12.51 -1.85
CA GLY A 221 -13.09 13.37 -2.25
C GLY A 221 -12.94 14.86 -1.93
N GLN A 222 -11.95 15.22 -1.13
CA GLN A 222 -11.75 16.62 -0.77
C GLN A 222 -10.63 17.26 -1.59
N GLY A 223 -10.12 16.51 -2.56
CA GLY A 223 -9.03 17.00 -3.39
C GLY A 223 -9.29 17.07 -4.88
N ALA A 224 -8.20 17.06 -5.66
CA ALA A 224 -8.28 17.18 -7.10
C ALA A 224 -8.14 15.90 -7.93
N ILE A 225 -7.99 14.75 -7.28
CA ILE A 225 -7.85 13.51 -8.03
C ILE A 225 -9.17 13.10 -8.66
N ASP A 226 -9.12 12.63 -9.90
CA ASP A 226 -10.32 12.18 -10.60
C ASP A 226 -10.63 10.78 -10.07
N LEU A 227 -11.08 10.70 -8.82
CA LEU A 227 -11.39 9.43 -8.21
C LEU A 227 -12.50 8.70 -8.98
N ASP A 228 -13.40 9.45 -9.59
CA ASP A 228 -14.49 8.86 -10.38
C ASP A 228 -13.88 7.96 -11.45
N ALA A 229 -12.86 8.49 -12.12
CA ALA A 229 -12.18 7.74 -13.18
C ALA A 229 -11.48 6.51 -12.63
N HIS A 230 -10.79 6.68 -11.50
CA HIS A 230 -10.09 5.56 -10.88
C HIS A 230 -11.04 4.44 -10.49
N LEU A 231 -12.12 4.81 -9.80
CA LEU A 231 -13.11 3.84 -9.34
C LEU A 231 -13.86 3.19 -10.50
N SER A 232 -14.20 3.98 -11.49
CA SER A 232 -14.90 3.46 -12.66
C SER A 232 -14.00 2.47 -13.39
N ALA A 233 -12.72 2.78 -13.48
CA ALA A 233 -11.78 1.89 -14.15
C ALA A 233 -11.58 0.59 -13.38
N LEU A 234 -11.42 0.68 -12.06
CA LEU A 234 -11.24 -0.49 -11.23
C LEU A 234 -12.44 -1.42 -11.37
N LYS A 235 -13.63 -0.82 -11.37
CA LYS A 235 -14.85 -1.61 -11.49
C LYS A 235 -14.91 -2.29 -12.84
N GLU A 236 -14.57 -1.53 -13.88
CA GLU A 236 -14.58 -2.03 -15.25
C GLU A 236 -13.63 -3.21 -15.48
N ILE A 237 -12.48 -3.19 -14.82
CA ILE A 237 -11.51 -4.28 -15.01
C ILE A 237 -11.67 -5.45 -14.04
N GLY A 238 -12.68 -5.38 -13.17
CA GLY A 238 -12.93 -6.48 -12.26
C GLY A 238 -12.38 -6.45 -10.85
N PHE A 239 -11.72 -5.35 -10.46
CA PHE A 239 -11.20 -5.28 -9.10
C PHE A 239 -12.32 -4.87 -8.16
N SER A 240 -12.38 -5.48 -6.98
CA SER A 240 -13.42 -5.12 -6.01
C SER A 240 -13.17 -5.72 -4.62
N ASP A 241 -11.99 -6.25 -4.37
CA ASP A 241 -11.76 -6.86 -3.08
C ASP A 241 -11.61 -5.95 -1.87
N VAL A 242 -10.80 -4.89 -1.96
CA VAL A 242 -10.59 -4.04 -0.81
C VAL A 242 -10.03 -2.65 -1.10
N VAL A 243 -10.32 -1.72 -0.21
CA VAL A 243 -9.83 -0.35 -0.31
C VAL A 243 -9.26 0.05 1.06
N SER A 244 -8.04 0.57 1.06
CA SER A 244 -7.39 0.99 2.30
C SER A 244 -7.10 2.48 2.22
N VAL A 245 -7.44 3.22 3.27
CA VAL A 245 -7.24 4.66 3.30
C VAL A 245 -5.86 5.02 3.90
N GLU A 246 -5.03 5.64 3.07
CA GLU A 246 -3.68 6.01 3.47
C GLU A 246 -3.37 7.50 3.28
N LEU A 247 -3.17 8.19 4.41
CA LEU A 247 -2.86 9.61 4.41
C LEU A 247 -1.54 9.89 5.11
N PHE A 248 -0.84 10.95 4.69
CA PHE A 248 0.43 11.36 5.28
C PHE A 248 0.39 12.85 5.55
N ARG A 249 -0.80 13.39 5.79
CA ARG A 249 -0.93 14.82 6.01
C ARG A 249 -0.73 15.25 7.46
N PRO A 250 0.24 16.13 7.70
CA PRO A 250 0.55 16.63 9.05
C PRO A 250 -0.69 17.19 9.74
N GLU A 251 -1.51 17.90 8.98
CA GLU A 251 -2.74 18.51 9.50
C GLU A 251 -3.60 17.50 10.25
N TYR A 252 -3.80 16.33 9.67
CA TYR A 252 -4.64 15.31 10.28
C TYR A 252 -4.07 14.67 11.52
N TYR A 253 -2.76 14.80 11.74
CA TYR A 253 -2.16 14.22 12.93
C TYR A 253 -2.53 15.06 14.15
N LYS A 254 -3.16 16.20 13.90
CA LYS A 254 -3.58 17.09 14.98
C LYS A 254 -4.92 16.61 15.54
N LEU A 255 -5.57 15.69 14.82
CA LEU A 255 -6.84 15.13 15.25
C LEU A 255 -6.55 14.01 16.26
N THR A 256 -7.58 13.57 16.97
CA THR A 256 -7.39 12.46 17.90
C THR A 256 -7.35 11.24 16.99
N ALA A 257 -6.88 10.12 17.52
CA ALA A 257 -6.81 8.90 16.73
C ALA A 257 -8.20 8.54 16.20
N GLU A 258 -9.19 8.59 17.08
CA GLU A 258 -10.55 8.24 16.69
C GLU A 258 -11.14 9.18 15.63
N GLU A 259 -10.93 10.48 15.77
CA GLU A 259 -11.45 11.43 14.79
C GLU A 259 -10.88 11.12 13.41
N ALA A 260 -9.58 10.81 13.38
CA ALA A 260 -8.92 10.49 12.12
C ALA A 260 -9.46 9.20 11.54
N ILE A 261 -9.58 8.18 12.38
CA ILE A 261 -10.08 6.89 11.93
C ILE A 261 -11.52 6.96 11.45
N GLN A 262 -12.34 7.75 12.13
CA GLN A 262 -13.75 7.90 11.73
C GLN A 262 -13.88 8.73 10.47
N THR A 263 -13.06 9.77 10.34
CA THR A 263 -13.10 10.62 9.16
C THR A 263 -12.59 9.83 7.95
N ALA A 264 -11.53 9.05 8.16
CA ALA A 264 -10.96 8.25 7.08
C ALA A 264 -12.03 7.30 6.55
N LYS A 265 -12.83 6.74 7.45
CA LYS A 265 -13.89 5.83 7.05
C LYS A 265 -15.01 6.54 6.28
N LYS A 266 -15.56 7.59 6.87
CA LYS A 266 -16.65 8.30 6.22
C LYS A 266 -16.31 8.82 4.83
N THR A 267 -15.18 9.51 4.70
CA THR A 267 -14.80 10.05 3.41
C THR A 267 -14.58 8.93 2.39
N THR A 268 -13.93 7.86 2.82
CA THR A 268 -13.66 6.73 1.95
C THR A 268 -14.96 6.04 1.52
N VAL A 269 -15.79 5.69 2.48
CA VAL A 269 -17.06 5.02 2.19
C VAL A 269 -17.98 5.85 1.30
N ASP A 270 -18.08 7.14 1.60
CA ASP A 270 -18.94 8.02 0.83
C ASP A 270 -18.51 8.13 -0.63
N VAL A 271 -17.20 8.07 -0.87
CA VAL A 271 -16.70 8.16 -2.24
C VAL A 271 -16.78 6.82 -2.96
N VAL A 272 -16.26 5.77 -2.34
CA VAL A 272 -16.22 4.44 -2.93
C VAL A 272 -17.58 3.76 -3.12
N SER A 273 -18.49 3.94 -2.17
CA SER A 273 -19.80 3.30 -2.25
C SER A 273 -20.64 3.76 -3.46
N LYS A 274 -20.20 4.81 -4.13
CA LYS A 274 -20.94 5.27 -5.30
C LYS A 274 -20.63 4.37 -6.49
N TYR A 275 -19.63 3.51 -6.34
CA TYR A 275 -19.26 2.58 -7.41
C TYR A 275 -19.31 1.12 -6.97
N PHE A 276 -19.01 0.87 -5.70
CA PHE A 276 -19.00 -0.49 -5.17
C PHE A 276 -19.90 -0.70 -3.97
N SER A 277 -20.50 -1.88 -3.89
CA SER A 277 -21.34 -2.22 -2.74
C SER A 277 -20.32 -2.54 -1.66
#